data_6EI6
#
_entry.id   6EI6
#
_cell.length_a   87.410
_cell.length_b   54.050
_cell.length_c   97.900
_cell.angle_alpha   90.00
_cell.angle_beta   99.52
_cell.angle_gamma   90.00
#
_symmetry.space_group_name_H-M   'P 1 21 1'
#
loop_
_entity.id
_entity.type
_entity.pdbx_description
1 polymer 'Coiled-coil and C2 domain-containing protein 1-like'
2 non-polymer 'SULFATE ION'
3 non-polymer DI(HYDROXYETHYL)ETHER
4 water water
#
_entity_poly.entity_id   1
_entity_poly.type   'polypeptide(L)'
_entity_poly.pdbx_seq_one_letter_code
;GAMLSTLPVPPSQRDNLEASFAIVSAEECDPTDDICEIGVRMEEQLAKQLMMCKNTRDHHKAMGDVAGMNRFENLALTVQ
KDLDLVRYSKRKNEPLPKFHYEKRSFNIVHCNTDLTDSELEIVVVRGISYNVANPKDVDTYVRVEFPLLNDESFKTKTNV
IRDTSSPDYDERFKVDIQRTNRQFQRIFKRHGVKFEIYSRGGFLRSDTLIGTVNVKLQPLETKCEIHDTYDLMDGRKQVG
GKLEVKIRVRNPILTKQMEHITEKWLVLDA
;
_entity_poly.pdbx_strand_id   A,B
#
loop_
_chem_comp.id
_chem_comp.type
_chem_comp.name
_chem_comp.formula
PEG non-polymer DI(HYDROXYETHYL)ETHER 'C4 H10 O3'
SO4 non-polymer 'SULFATE ION' 'O4 S -2'
#
# COMPACT_ATOMS: atom_id res chain seq x y z
N CYS A 29 7.02 -2.15 6.03
CA CYS A 29 6.63 -0.84 6.58
C CYS A 29 5.38 -0.89 7.40
N ASP A 30 5.43 -0.13 8.49
CA ASP A 30 4.21 0.27 9.17
C ASP A 30 3.28 0.97 8.19
N PRO A 31 1.95 0.74 8.26
CA PRO A 31 1.04 1.25 7.22
C PRO A 31 0.79 2.75 7.28
N THR A 32 1.23 3.43 8.34
CA THR A 32 1.12 4.87 8.45
C THR A 32 2.41 5.60 8.07
N ASP A 33 3.50 4.84 7.88
CA ASP A 33 4.83 5.37 7.55
C ASP A 33 4.91 5.54 6.04
N ASP A 34 4.65 6.76 5.58
CA ASP A 34 4.52 7.00 4.15
C ASP A 34 5.90 7.12 3.48
N ILE A 35 6.90 7.62 4.19
CA ILE A 35 8.18 7.76 3.53
C ILE A 35 8.82 6.39 3.36
N CYS A 36 8.64 5.51 4.32
CA CYS A 36 9.06 4.13 4.15
C CYS A 36 8.44 3.53 2.90
N GLU A 37 7.13 3.72 2.73
CA GLU A 37 6.43 3.12 1.60
C GLU A 37 6.90 3.71 0.28
N ILE A 38 7.18 5.01 0.24
CA ILE A 38 7.79 5.61 -0.93
C ILE A 38 9.06 4.87 -1.29
N GLY A 39 9.89 4.58 -0.26
CA GLY A 39 11.12 3.85 -0.49
C GLY A 39 10.87 2.47 -1.07
N VAL A 40 9.85 1.77 -0.57
CA VAL A 40 9.53 0.46 -1.10
C VAL A 40 9.10 0.57 -2.56
N ARG A 41 8.26 1.56 -2.88
CA ARG A 41 7.78 1.75 -4.26
C ARG A 41 8.91 2.17 -5.21
N MET A 42 9.84 3.00 -4.73
CA MET A 42 11.03 3.32 -5.51
C MET A 42 11.73 2.04 -5.95
N GLU A 43 11.95 1.13 -5.00
CA GLU A 43 12.65 -0.10 -5.31
C GLU A 43 11.81 -0.99 -6.24
N GLU A 44 10.51 -1.12 -5.96
CA GLU A 44 9.63 -1.86 -6.85
C GLU A 44 9.66 -1.31 -8.27
N GLN A 45 9.55 0.02 -8.38
CA GLN A 45 9.54 0.63 -9.70
C GLN A 45 10.81 0.31 -10.47
N LEU A 46 11.97 0.39 -9.79
CA LEU A 46 13.23 0.12 -10.46
C LEU A 46 13.36 -1.35 -10.81
N ALA A 47 12.91 -2.24 -9.91
CA ALA A 47 12.89 -3.66 -10.22
C ALA A 47 12.01 -3.96 -11.43
N LYS A 48 10.85 -3.30 -11.55
CA LYS A 48 10.02 -3.49 -12.74
C LYS A 48 10.73 -2.98 -13.99
N GLN A 49 11.44 -1.86 -13.86
CA GLN A 49 12.19 -1.33 -15.00
C GLN A 49 13.30 -2.28 -15.40
N LEU A 50 14.03 -2.80 -14.40
CA LEU A 50 15.05 -3.82 -14.66
C LEU A 50 14.48 -4.98 -15.46
N MET A 51 13.35 -5.54 -15.00
CA MET A 51 12.71 -6.63 -15.70
C MET A 51 12.44 -6.29 -17.15
N MET A 52 11.95 -5.07 -17.42
CA MET A 52 11.65 -4.69 -18.80
C MET A 52 12.92 -4.63 -19.63
N CYS A 53 14.00 -4.12 -19.05
CA CYS A 53 15.29 -4.09 -19.76
C CYS A 53 15.73 -5.48 -20.16
N LYS A 54 15.65 -6.43 -19.22
CA LYS A 54 16.13 -7.80 -19.50
C LYS A 54 15.26 -8.50 -20.52
N ASN A 55 13.93 -8.44 -20.34
CA ASN A 55 12.99 -9.00 -21.31
C ASN A 55 13.27 -8.49 -22.71
N THR A 56 13.32 -7.15 -22.87
CA THR A 56 13.55 -6.57 -24.19
C THR A 56 14.92 -6.98 -24.73
N ARG A 57 15.95 -6.93 -23.88
CA ARG A 57 17.26 -7.45 -24.26
C ARG A 57 17.14 -8.86 -24.80
N ASP A 58 16.37 -9.71 -24.12
CA ASP A 58 16.27 -11.10 -24.50
C ASP A 58 15.51 -11.26 -25.81
N HIS A 59 14.49 -10.43 -26.02
CA HIS A 59 13.83 -10.45 -27.33
C HIS A 59 14.79 -10.11 -28.45
N HIS A 60 15.63 -9.08 -28.25
CA HIS A 60 16.57 -8.70 -29.30
C HIS A 60 17.64 -9.77 -29.51
N LYS A 61 18.04 -10.46 -28.44
CA LYS A 61 19.01 -11.56 -28.57
C LYS A 61 18.42 -12.70 -29.41
N ALA A 62 17.21 -13.12 -29.08
CA ALA A 62 16.55 -14.17 -29.84
C ALA A 62 16.36 -13.81 -31.31
N MET A 63 16.37 -12.53 -31.66
CA MET A 63 16.11 -12.13 -33.03
C MET A 63 17.38 -11.73 -33.77
N GLY A 64 18.54 -12.12 -33.26
CA GLY A 64 19.80 -11.77 -33.92
C GLY A 64 20.00 -10.28 -34.11
N ASP A 65 19.61 -9.47 -33.12
CA ASP A 65 19.75 -8.02 -33.17
C ASP A 65 20.76 -7.61 -32.11
N VAL A 66 22.04 -7.75 -32.45
CA VAL A 66 23.12 -7.48 -31.49
C VAL A 66 23.03 -6.07 -30.92
N ALA A 67 22.63 -5.09 -31.74
CA ALA A 67 22.67 -3.68 -31.32
C ALA A 67 21.54 -3.35 -30.34
N GLY A 68 20.30 -3.81 -30.63
CA GLY A 68 19.26 -3.70 -29.63
C GLY A 68 19.62 -4.43 -28.35
N MET A 69 20.34 -5.54 -28.48
CA MET A 69 20.64 -6.38 -27.31
C MET A 69 21.57 -5.66 -26.34
N ASN A 70 22.73 -5.22 -26.84
CA ASN A 70 23.64 -4.42 -26.03
C ASN A 70 22.95 -3.15 -25.53
N ARG A 71 22.08 -2.57 -26.34
CA ARG A 71 21.39 -1.35 -25.93
C ARG A 71 20.62 -1.57 -24.63
N PHE A 72 19.79 -2.61 -24.59
CA PHE A 72 18.93 -2.81 -23.43
C PHE A 72 19.68 -3.47 -22.29
N GLU A 73 20.79 -4.15 -22.58
CA GLU A 73 21.65 -4.58 -21.47
C GLU A 73 22.26 -3.37 -20.78
N ASN A 74 22.71 -2.37 -21.56
CA ASN A 74 23.28 -1.17 -20.97
C ASN A 74 22.22 -0.39 -20.17
N LEU A 75 20.98 -0.35 -20.68
CA LEU A 75 19.89 0.24 -19.90
C LEU A 75 19.68 -0.52 -18.59
N ALA A 76 19.65 -1.86 -18.65
CA ALA A 76 19.58 -2.68 -17.44
C ALA A 76 20.68 -2.31 -16.45
N LEU A 77 21.92 -2.16 -16.95
CA LEU A 77 23.03 -1.79 -16.06
C LEU A 77 22.73 -0.50 -15.29
N THR A 78 22.23 0.53 -15.98
CA THR A 78 21.98 1.78 -15.28
C THR A 78 20.83 1.64 -14.28
N VAL A 79 19.80 0.86 -14.62
CA VAL A 79 18.72 0.62 -13.66
C VAL A 79 19.27 -0.10 -12.43
N GLN A 80 20.14 -1.10 -12.64
CA GLN A 80 20.67 -1.86 -11.51
C GLN A 80 21.51 -0.99 -10.58
N LYS A 81 22.33 -0.09 -11.15
CA LYS A 81 23.05 0.87 -10.32
C LYS A 81 22.10 1.65 -9.42
N ASP A 82 20.97 2.10 -9.98
CA ASP A 82 20.05 2.91 -9.20
C ASP A 82 19.38 2.05 -8.13
N LEU A 83 19.00 0.82 -8.51
CA LEU A 83 18.49 -0.16 -7.57
C LEU A 83 19.48 -0.39 -6.42
N ASP A 84 20.78 -0.54 -6.75
CA ASP A 84 21.79 -0.75 -5.71
C ASP A 84 21.92 0.48 -4.82
N LEU A 85 21.90 1.67 -5.43
CA LEU A 85 21.97 2.92 -4.68
C LEU A 85 20.82 3.04 -3.69
N VAL A 86 19.60 2.64 -4.09
CA VAL A 86 18.47 2.76 -3.18
C VAL A 86 18.57 1.72 -2.06
N ARG A 87 18.94 0.47 -2.41
CA ARG A 87 19.12 -0.55 -1.39
C ARG A 87 20.21 -0.18 -0.41
N TYR A 88 21.28 0.46 -0.92
CA TYR A 88 22.40 0.84 -0.06
C TYR A 88 22.00 1.95 0.92
N SER A 89 21.33 3.00 0.42
CA SER A 89 20.84 4.03 1.32
C SER A 89 19.97 3.43 2.43
N LYS A 90 19.25 2.36 2.13
CA LYS A 90 18.41 1.70 3.13
C LYS A 90 19.24 0.80 4.04
N ARG A 91 20.29 0.17 3.52
CA ARG A 91 21.10 -0.75 4.33
C ARG A 91 21.79 0.00 5.45
N LYS A 92 22.41 1.13 5.13
CA LYS A 92 22.81 2.08 6.16
C LYS A 92 21.55 2.79 6.59
N ASN A 93 21.63 4.01 7.04
CA ASN A 93 20.38 4.70 7.31
C ASN A 93 20.52 6.12 6.80
N GLU A 94 20.47 6.29 5.50
CA GLU A 94 20.51 7.62 4.95
C GLU A 94 19.17 7.98 4.36
N PRO A 95 18.95 9.25 4.06
CA PRO A 95 17.76 9.62 3.28
C PRO A 95 17.71 8.81 1.99
N LEU A 96 16.49 8.50 1.57
CA LEU A 96 16.27 8.00 0.21
C LEU A 96 16.96 8.95 -0.78
N PRO A 97 17.54 8.42 -1.87
CA PRO A 97 18.07 9.32 -2.91
C PRO A 97 16.95 10.13 -3.57
N LYS A 98 17.27 11.37 -3.88
CA LYS A 98 16.43 12.17 -4.76
C LYS A 98 16.28 11.51 -6.12
N PHE A 99 15.13 11.72 -6.75
CA PHE A 99 14.92 11.13 -8.06
C PHE A 99 13.99 12.02 -8.86
N HIS A 100 13.80 11.64 -10.11
CA HIS A 100 12.94 12.38 -11.01
C HIS A 100 12.51 11.39 -12.07
N TYR A 101 11.72 11.86 -13.03
CA TYR A 101 11.15 11.04 -14.07
C TYR A 101 11.74 11.42 -15.43
N GLU A 102 12.03 10.41 -16.25
CA GLU A 102 12.38 10.58 -17.66
C GLU A 102 11.55 9.66 -18.54
N LYS A 103 11.89 9.56 -19.82
CA LYS A 103 11.27 8.62 -20.73
C LYS A 103 12.31 7.72 -21.36
N ARG A 104 11.86 6.54 -21.77
CA ARG A 104 12.71 5.60 -22.47
C ARG A 104 11.92 5.02 -23.63
N SER A 105 12.53 4.96 -24.81
CA SER A 105 11.88 4.38 -25.97
C SER A 105 12.13 2.89 -25.95
N PHE A 106 11.15 2.12 -25.51
CA PHE A 106 11.05 0.72 -25.90
C PHE A 106 10.11 0.72 -27.08
N ASN A 107 10.29 -0.24 -27.97
CA ASN A 107 9.36 -0.17 -29.10
C ASN A 107 8.37 -1.33 -28.98
N ILE A 108 7.63 -1.36 -27.86
CA ILE A 108 6.94 -2.58 -27.46
C ILE A 108 5.91 -3.00 -28.51
N VAL A 109 5.26 -2.01 -29.13
CA VAL A 109 4.20 -2.30 -30.10
C VAL A 109 4.71 -2.94 -31.37
N HIS A 110 6.04 -3.02 -31.58
CA HIS A 110 6.63 -3.42 -32.86
C HIS A 110 7.69 -4.51 -32.73
N CYS A 111 7.62 -5.39 -31.73
CA CYS A 111 8.49 -6.56 -31.73
C CYS A 111 7.69 -7.73 -32.27
N ASN A 112 8.29 -8.54 -33.13
CA ASN A 112 7.51 -9.44 -33.98
C ASN A 112 6.51 -8.62 -34.83
N THR A 113 7.07 -7.79 -35.72
CA THR A 113 6.21 -7.08 -36.66
C THR A 113 5.57 -8.00 -37.69
N ASP A 114 6.11 -9.20 -37.89
CA ASP A 114 5.56 -10.19 -38.82
C ASP A 114 4.12 -10.62 -38.49
N LEU A 115 3.57 -10.19 -37.36
CA LEU A 115 2.29 -10.67 -36.88
C LEU A 115 1.28 -9.53 -36.77
N THR A 116 0.07 -9.79 -37.20
CA THR A 116 -1.04 -8.88 -36.93
C THR A 116 -1.16 -8.64 -35.42
N ASP A 117 -1.77 -7.51 -35.08
CA ASP A 117 -2.21 -7.27 -33.71
C ASP A 117 -3.13 -8.37 -33.20
N SER A 118 -3.91 -8.99 -34.08
CA SER A 118 -4.92 -9.96 -33.69
C SER A 118 -4.42 -11.40 -33.75
N GLU A 119 -3.14 -11.61 -34.03
CA GLU A 119 -2.62 -12.92 -34.37
C GLU A 119 -1.72 -13.49 -33.29
N LEU A 120 -2.02 -14.72 -32.88
CA LEU A 120 -1.10 -15.54 -32.11
C LEU A 120 -0.58 -16.64 -33.00
N GLU A 121 0.73 -16.84 -32.99
CA GLU A 121 1.38 -17.89 -33.78
C GLU A 121 1.93 -18.98 -32.86
N ILE A 122 1.72 -20.25 -33.24
CA ILE A 122 2.29 -21.40 -32.54
C ILE A 122 3.25 -22.12 -33.49
N VAL A 123 4.44 -22.43 -32.99
CA VAL A 123 5.46 -23.11 -33.77
C VAL A 123 5.80 -24.41 -33.07
N VAL A 124 5.55 -25.53 -33.74
CA VAL A 124 6.01 -26.84 -33.27
C VAL A 124 7.37 -27.07 -33.93
N VAL A 125 8.43 -27.06 -33.13
CA VAL A 125 9.78 -26.97 -33.66
C VAL A 125 10.43 -28.34 -33.82
N ARG A 126 10.31 -29.23 -32.84
CA ARG A 126 11.02 -30.51 -32.97
C ARG A 126 10.73 -31.33 -31.72
N GLY A 127 10.83 -32.64 -31.89
CA GLY A 127 10.89 -33.57 -30.79
C GLY A 127 12.32 -33.99 -30.57
N ILE A 128 12.64 -34.38 -29.34
CA ILE A 128 14.00 -34.67 -28.92
C ILE A 128 13.95 -35.99 -28.19
N SER A 129 14.35 -37.06 -28.87
CA SER A 129 14.60 -38.36 -28.25
C SER A 129 13.41 -38.86 -27.44
N TYR A 130 12.28 -39.01 -28.13
CA TYR A 130 11.11 -39.67 -27.54
C TYR A 130 11.51 -41.02 -26.97
N ASN A 131 10.91 -41.39 -25.84
CA ASN A 131 11.19 -42.67 -25.20
C ASN A 131 10.20 -43.71 -25.71
N VAL A 132 10.44 -44.15 -26.95
CA VAL A 132 9.60 -45.12 -27.62
C VAL A 132 10.31 -46.46 -27.68
N ALA A 133 9.62 -47.48 -28.20
CA ALA A 133 10.23 -48.78 -28.46
C ALA A 133 10.93 -48.81 -29.81
N ASN A 134 10.65 -47.92 -30.64
CA ASN A 134 11.34 -48.08 -31.90
C ASN A 134 12.53 -47.12 -31.99
N PRO A 135 13.49 -47.45 -32.81
CA PRO A 135 14.52 -46.46 -33.16
C PRO A 135 13.97 -45.52 -34.22
N LYS A 136 14.34 -45.81 -35.46
CA LYS A 136 13.71 -45.35 -36.69
C LYS A 136 12.25 -45.82 -36.71
N ASP A 137 11.58 -45.74 -37.87
CA ASP A 137 10.12 -45.65 -38.02
C ASP A 137 9.33 -45.85 -36.74
N VAL A 138 9.64 -45.00 -35.76
CA VAL A 138 8.57 -44.31 -35.06
C VAL A 138 8.18 -43.15 -35.98
N ASP A 139 6.90 -43.08 -36.31
CA ASP A 139 6.35 -41.97 -37.09
C ASP A 139 5.49 -41.15 -36.16
N THR A 140 5.65 -39.83 -36.19
CA THR A 140 5.03 -38.99 -35.19
C THR A 140 4.38 -37.78 -35.85
N TYR A 141 3.38 -37.26 -35.15
CA TYR A 141 2.74 -35.99 -35.47
C TYR A 141 2.24 -35.40 -34.17
N VAL A 142 2.00 -34.09 -34.16
CA VAL A 142 1.63 -33.36 -32.94
C VAL A 142 0.31 -32.65 -33.19
N ARG A 143 -0.64 -32.84 -32.27
CA ARG A 143 -1.89 -32.10 -32.26
C ARG A 143 -1.76 -30.88 -31.34
N VAL A 144 -2.34 -29.76 -31.78
CA VAL A 144 -2.27 -28.50 -31.06
C VAL A 144 -3.69 -28.07 -30.74
N GLU A 145 -3.94 -27.72 -29.49
CA GLU A 145 -5.25 -27.30 -29.03
C GLU A 145 -5.11 -25.96 -28.31
N PHE A 146 -5.70 -24.92 -28.88
CA PHE A 146 -5.60 -23.56 -28.35
C PHE A 146 -6.98 -23.10 -27.91
N PRO A 147 -7.19 -22.69 -26.65
CA PRO A 147 -8.54 -22.36 -26.20
C PRO A 147 -9.07 -21.08 -26.86
N LEU A 148 -10.34 -21.11 -27.25
CA LEU A 148 -10.99 -19.92 -27.82
C LEU A 148 -12.19 -19.50 -26.97
N LEU A 149 -13.19 -18.87 -27.59
CA LEU A 149 -14.29 -18.26 -26.85
C LEU A 149 -15.29 -19.30 -26.37
N ASN A 150 -15.77 -19.11 -25.14
CA ASN A 150 -16.67 -20.02 -24.44
C ASN A 150 -16.21 -21.45 -24.66
N ASP A 151 -15.36 -21.93 -23.75
CA ASP A 151 -14.44 -23.03 -24.01
C ASP A 151 -15.09 -24.11 -24.86
N GLU A 152 -14.45 -24.43 -25.99
CA GLU A 152 -13.18 -23.84 -26.42
C GLU A 152 -13.27 -23.67 -27.93
N SER A 153 -12.10 -23.89 -28.57
CA SER A 153 -12.01 -24.55 -29.87
C SER A 153 -10.57 -24.62 -30.35
N PHE A 154 -10.35 -24.21 -31.61
CA PHE A 154 -9.12 -24.36 -32.40
C PHE A 154 -8.26 -25.58 -32.12
N LYS A 155 -8.28 -26.53 -33.03
CA LYS A 155 -7.45 -27.73 -32.96
C LYS A 155 -6.85 -27.96 -34.34
N THR A 156 -5.59 -28.38 -34.38
CA THR A 156 -4.93 -28.68 -35.64
C THR A 156 -3.82 -29.68 -35.34
N LYS A 157 -3.03 -30.02 -36.37
CA LYS A 157 -1.97 -31.00 -36.18
C LYS A 157 -0.87 -30.81 -37.23
N THR A 158 0.34 -31.24 -36.87
CA THR A 158 1.46 -31.21 -37.78
C THR A 158 1.37 -32.37 -38.77
N ASN A 159 2.22 -32.31 -39.79
CA ASN A 159 2.37 -33.42 -40.72
C ASN A 159 2.87 -34.64 -39.96
N VAL A 160 3.14 -35.72 -40.67
CA VAL A 160 3.71 -36.90 -40.06
C VAL A 160 5.14 -36.97 -40.55
N ILE A 161 6.10 -36.65 -39.68
CA ILE A 161 7.47 -37.00 -39.97
C ILE A 161 7.58 -38.52 -39.88
N ARG A 162 8.47 -39.08 -40.67
CA ARG A 162 8.65 -40.52 -40.73
C ARG A 162 10.06 -40.87 -40.29
N ASP A 163 10.16 -41.86 -39.40
CA ASP A 163 11.40 -42.59 -39.14
C ASP A 163 12.43 -41.79 -38.35
N THR A 164 12.07 -41.35 -37.14
CA THR A 164 13.02 -40.71 -36.24
C THR A 164 12.44 -40.48 -34.85
N SER A 165 13.25 -40.79 -33.83
CA SER A 165 12.92 -40.51 -32.43
C SER A 165 13.04 -39.02 -32.09
N SER A 166 13.69 -38.23 -32.94
CA SER A 166 13.92 -36.80 -32.72
C SER A 166 13.42 -36.04 -33.94
N PRO A 167 12.10 -36.00 -34.13
CA PRO A 167 11.54 -35.36 -35.32
C PRO A 167 11.85 -33.87 -35.41
N ASP A 168 11.90 -33.38 -36.63
CA ASP A 168 12.07 -31.96 -36.90
C ASP A 168 10.85 -31.45 -37.67
N TYR A 169 9.69 -31.41 -37.01
CA TYR A 169 8.58 -30.58 -37.49
C TYR A 169 9.01 -29.13 -37.56
N ASP A 170 8.50 -28.37 -38.52
CA ASP A 170 8.83 -26.95 -38.51
C ASP A 170 7.62 -26.21 -39.03
N GLU A 171 6.52 -26.38 -38.32
CA GLU A 171 5.22 -25.91 -38.79
C GLU A 171 4.70 -24.84 -37.87
N ARG A 172 4.16 -23.79 -38.49
CA ARG A 172 3.60 -22.63 -37.82
C ARG A 172 2.10 -22.60 -38.04
N PHE A 173 1.34 -22.29 -37.00
CA PHE A 173 -0.11 -22.16 -37.10
C PHE A 173 -0.49 -20.82 -36.50
N LYS A 174 -1.37 -20.09 -37.16
CA LYS A 174 -1.80 -18.78 -36.69
C LYS A 174 -3.27 -18.84 -36.31
N VAL A 175 -3.65 -18.14 -35.25
CA VAL A 175 -5.04 -18.08 -34.86
C VAL A 175 -5.39 -16.62 -34.52
N ASP A 176 -6.69 -16.32 -34.55
CA ASP A 176 -7.19 -14.98 -34.23
C ASP A 176 -7.57 -14.89 -32.76
N ILE A 177 -7.10 -13.83 -32.11
CA ILE A 177 -7.49 -13.50 -30.75
C ILE A 177 -8.16 -12.13 -30.78
N GLN A 178 -8.92 -11.84 -29.73
CA GLN A 178 -9.45 -10.51 -29.48
C GLN A 178 -8.88 -9.98 -28.18
N ARG A 179 -7.81 -9.18 -28.28
CA ARG A 179 -7.24 -8.51 -27.12
C ARG A 179 -8.29 -7.76 -26.31
N THR A 180 -9.37 -7.30 -26.97
CA THR A 180 -10.39 -6.52 -26.29
C THR A 180 -11.26 -7.38 -25.37
N ASN A 181 -11.57 -8.60 -25.77
CA ASN A 181 -12.45 -9.46 -24.98
C ASN A 181 -11.79 -9.84 -23.65
N ARG A 182 -12.44 -9.46 -22.54
CA ARG A 182 -11.85 -9.76 -21.23
C ARG A 182 -11.75 -11.25 -20.97
N GLN A 183 -12.54 -12.08 -21.65
CA GLN A 183 -12.39 -13.52 -21.49
C GLN A 183 -11.26 -14.09 -22.33
N PHE A 184 -10.85 -13.39 -23.39
CA PHE A 184 -9.58 -13.75 -24.02
C PHE A 184 -8.42 -13.41 -23.12
N GLN A 185 -8.53 -12.28 -22.40
CA GLN A 185 -7.53 -11.95 -21.40
C GLN A 185 -7.51 -12.99 -20.28
N ARG A 186 -8.68 -13.51 -19.90
CA ARG A 186 -8.78 -14.69 -19.05
C ARG A 186 -7.86 -15.81 -19.53
N ILE A 187 -7.98 -16.12 -20.81
CA ILE A 187 -7.27 -17.26 -21.37
C ILE A 187 -5.76 -17.05 -21.24
N PHE A 188 -5.29 -15.85 -21.57
CA PHE A 188 -3.86 -15.59 -21.42
C PHE A 188 -3.44 -15.58 -19.95
N LYS A 189 -4.33 -15.18 -19.04
CA LYS A 189 -3.95 -15.13 -17.63
C LYS A 189 -3.82 -16.53 -17.05
N ARG A 190 -4.76 -17.42 -17.36
CA ARG A 190 -4.95 -18.63 -16.55
C ARG A 190 -4.67 -19.93 -17.29
N HIS A 191 -4.66 -19.91 -18.61
CA HIS A 191 -4.82 -21.14 -19.41
C HIS A 191 -3.60 -21.31 -20.32
N GLY A 192 -3.65 -22.35 -21.15
CA GLY A 192 -2.48 -22.73 -21.92
C GLY A 192 -2.86 -23.41 -23.22
N VAL A 193 -1.81 -23.77 -23.97
CA VAL A 193 -1.89 -24.49 -25.23
C VAL A 193 -1.45 -25.93 -24.99
N LYS A 194 -2.22 -26.89 -25.51
CA LYS A 194 -1.97 -28.31 -25.31
C LYS A 194 -1.33 -28.92 -26.56
N PHE A 195 -0.22 -29.63 -26.38
CA PHE A 195 0.46 -30.34 -27.46
C PHE A 195 0.40 -31.83 -27.19
N GLU A 196 -0.21 -32.60 -28.09
CA GLU A 196 -0.28 -34.06 -27.94
C GLU A 196 0.59 -34.72 -29.00
N ILE A 197 1.55 -35.52 -28.56
CA ILE A 197 2.50 -36.16 -29.46
C ILE A 197 2.03 -37.59 -29.73
N TYR A 198 1.81 -37.92 -31.00
CA TYR A 198 1.23 -39.21 -31.36
C TYR A 198 2.16 -39.98 -32.28
N SER A 199 2.26 -41.30 -32.04
CA SER A 199 2.89 -42.20 -33.00
C SER A 199 1.83 -42.70 -33.97
N ARG A 200 2.21 -42.85 -35.24
CA ARG A 200 1.27 -43.22 -36.30
C ARG A 200 1.20 -44.74 -36.39
N GLY A 201 0.15 -45.31 -35.81
CA GLY A 201 -0.09 -46.73 -35.97
C GLY A 201 -0.37 -47.07 -37.42
N GLY A 202 0.14 -48.20 -37.87
CA GLY A 202 0.06 -48.55 -39.28
C GLY A 202 -1.28 -49.11 -39.72
N PHE A 203 -1.20 -50.00 -40.72
CA PHE A 203 -2.35 -50.71 -41.26
C PHE A 203 -3.20 -51.31 -40.14
N LEU A 204 -4.48 -50.89 -40.09
CA LEU A 204 -5.47 -51.35 -39.12
C LEU A 204 -5.01 -51.16 -37.67
N ARG A 205 -4.07 -50.26 -37.41
CA ARG A 205 -3.56 -49.99 -36.07
C ARG A 205 -3.78 -48.52 -35.72
N SER A 206 -4.42 -48.27 -34.57
CA SER A 206 -4.68 -46.88 -34.20
C SER A 206 -3.42 -46.16 -33.70
N ASP A 207 -3.51 -44.84 -33.58
CA ASP A 207 -2.37 -44.03 -33.17
C ASP A 207 -2.21 -44.05 -31.66
N THR A 208 -0.96 -43.97 -31.22
CA THR A 208 -0.61 -44.02 -29.80
C THR A 208 -0.16 -42.65 -29.30
N LEU A 209 -0.80 -42.20 -28.21
CA LEU A 209 -0.40 -40.99 -27.50
C LEU A 209 0.96 -41.22 -26.82
N ILE A 210 2.02 -40.65 -27.39
CA ILE A 210 3.36 -40.76 -26.80
C ILE A 210 3.48 -39.90 -25.55
N GLY A 211 2.95 -38.68 -25.57
CA GLY A 211 3.02 -37.81 -24.41
C GLY A 211 2.35 -36.47 -24.68
N THR A 212 2.08 -35.76 -23.60
CA THR A 212 1.44 -34.46 -23.63
C THR A 212 2.37 -33.38 -23.08
N VAL A 213 2.25 -32.17 -23.64
CA VAL A 213 2.94 -30.97 -23.18
C VAL A 213 1.92 -29.84 -23.07
N ASN A 214 1.87 -29.18 -21.92
CA ASN A 214 0.95 -28.06 -21.69
C ASN A 214 1.74 -26.80 -21.37
N VAL A 215 1.60 -25.77 -22.19
CA VAL A 215 2.37 -24.53 -22.04
C VAL A 215 1.43 -23.38 -21.67
N LYS A 216 1.63 -22.81 -20.48
CA LYS A 216 0.82 -21.68 -20.03
C LYS A 216 1.08 -20.44 -20.89
N LEU A 217 0.02 -19.70 -21.18
CA LEU A 217 0.14 -18.53 -22.04
C LEU A 217 0.58 -17.27 -21.30
N GLN A 218 0.57 -17.28 -19.96
CA GLN A 218 0.67 -16.04 -19.22
C GLN A 218 1.98 -15.26 -19.41
N PRO A 219 3.15 -15.88 -19.68
CA PRO A 219 4.32 -15.05 -20.05
C PRO A 219 4.05 -14.06 -21.17
N LEU A 220 3.08 -14.32 -22.04
CA LEU A 220 2.78 -13.42 -23.15
C LEU A 220 2.08 -12.14 -22.69
N GLU A 221 1.75 -12.04 -21.40
CA GLU A 221 1.18 -10.79 -20.88
C GLU A 221 2.21 -9.67 -20.90
N THR A 222 3.47 -10.00 -20.61
CA THR A 222 4.53 -9.01 -20.60
C THR A 222 5.66 -9.32 -21.56
N LYS A 223 5.68 -10.51 -22.18
CA LYS A 223 6.67 -10.85 -23.19
C LYS A 223 5.96 -11.14 -24.51
N CYS A 224 6.74 -11.14 -25.57
CA CYS A 224 6.12 -11.26 -26.87
C CYS A 224 6.40 -12.60 -27.54
N GLU A 225 7.16 -13.48 -26.87
CA GLU A 225 7.22 -14.86 -27.31
C GLU A 225 7.61 -15.76 -26.16
N ILE A 226 7.13 -17.00 -26.22
CA ILE A 226 7.58 -18.11 -25.40
C ILE A 226 8.38 -19.05 -26.32
N HIS A 227 9.55 -19.48 -25.86
CA HIS A 227 10.34 -20.44 -26.63
C HIS A 227 11.13 -21.31 -25.66
N ASP A 228 10.74 -22.57 -25.55
CA ASP A 228 11.41 -23.48 -24.64
C ASP A 228 11.25 -24.91 -25.18
N THR A 229 11.77 -25.87 -24.43
CA THR A 229 11.61 -27.28 -24.70
C THR A 229 11.04 -27.92 -23.44
N TYR A 230 10.06 -28.82 -23.63
CA TYR A 230 9.25 -29.31 -22.51
C TYR A 230 9.22 -30.84 -22.47
N ASP A 231 9.09 -31.38 -21.27
CA ASP A 231 9.07 -32.83 -21.07
C ASP A 231 7.72 -33.41 -21.47
N LEU A 232 7.74 -34.47 -22.28
CA LEU A 232 6.49 -35.19 -22.55
C LEU A 232 5.98 -35.81 -21.26
N MET A 233 4.70 -35.58 -20.95
CA MET A 233 4.07 -36.07 -19.74
C MET A 233 3.00 -37.09 -20.07
N ASP A 234 2.74 -37.98 -19.10
CA ASP A 234 1.64 -38.93 -19.16
C ASP A 234 0.61 -38.59 -18.08
N GLY A 235 0.94 -38.76 -16.82
CA GLY A 235 0.11 -38.11 -15.82
C GLY A 235 0.56 -36.69 -15.53
N ARG A 236 1.12 -36.36 -14.35
CA ARG A 236 1.69 -37.23 -13.30
C ARG A 236 2.49 -38.41 -13.90
N LYS A 237 3.74 -38.11 -14.28
CA LYS A 237 4.75 -39.04 -14.78
C LYS A 237 5.44 -38.49 -16.02
N GLN A 238 6.74 -38.34 -15.94
CA GLN A 238 7.52 -37.93 -17.08
C GLN A 238 7.74 -39.12 -17.99
N VAL A 239 7.54 -38.92 -19.28
CA VAL A 239 7.49 -40.01 -20.23
C VAL A 239 8.88 -40.38 -20.72
N GLY A 240 9.67 -39.37 -21.04
CA GLY A 240 10.87 -39.60 -21.80
C GLY A 240 11.23 -38.32 -22.49
N GLY A 241 11.19 -38.30 -23.82
CA GLY A 241 11.68 -37.15 -24.57
C GLY A 241 11.04 -35.79 -24.32
N LYS A 242 11.28 -34.87 -25.26
CA LYS A 242 10.90 -33.47 -25.09
C LYS A 242 10.38 -32.93 -26.42
N LEU A 243 9.62 -31.83 -26.31
CA LEU A 243 9.10 -31.11 -27.46
C LEU A 243 9.52 -29.64 -27.35
N GLU A 244 10.02 -29.08 -28.44
CA GLU A 244 10.44 -27.69 -28.49
C GLU A 244 9.42 -26.88 -29.27
N VAL A 245 9.01 -25.74 -28.71
CA VAL A 245 7.83 -25.03 -29.14
C VAL A 245 8.04 -23.53 -28.98
N LYS A 246 7.42 -22.74 -29.86
CA LYS A 246 7.37 -21.29 -29.74
C LYS A 246 5.92 -20.82 -29.72
N ILE A 247 5.62 -19.80 -28.92
CA ILE A 247 4.34 -19.10 -29.00
C ILE A 247 4.61 -17.61 -29.10
N ARG A 248 4.09 -16.97 -30.13
CA ARG A 248 4.50 -15.63 -30.47
C ARG A 248 3.30 -14.74 -30.70
N VAL A 249 3.39 -13.50 -30.20
CA VAL A 249 2.40 -12.47 -30.50
C VAL A 249 3.14 -11.22 -31.00
N ARG A 250 2.38 -10.32 -31.62
CA ARG A 250 2.96 -9.08 -32.11
C ARG A 250 3.42 -8.19 -30.94
N ASN A 251 2.66 -8.14 -29.86
CA ASN A 251 3.15 -7.46 -28.67
C ASN A 251 2.46 -8.06 -27.47
N PRO A 252 2.99 -7.85 -26.26
CA PRO A 252 2.37 -8.45 -25.08
C PRO A 252 0.94 -7.98 -24.87
N ILE A 253 0.15 -8.83 -24.21
CA ILE A 253 -1.23 -8.49 -23.89
C ILE A 253 -1.27 -7.16 -23.13
N LEU A 254 -0.41 -7.01 -22.12
CA LEU A 254 -0.37 -5.80 -21.31
C LEU A 254 0.63 -4.78 -21.84
N THR A 255 0.65 -4.59 -23.16
CA THR A 255 1.50 -3.58 -23.77
C THR A 255 1.14 -2.18 -23.28
N LYS A 256 -0.16 -1.94 -23.05
CA LYS A 256 -0.60 -0.59 -22.75
C LYS A 256 0.00 -0.10 -21.45
N GLN A 257 -0.10 -0.91 -20.38
CA GLN A 257 0.48 -0.49 -19.12
C GLN A 257 2.00 -0.59 -19.09
N MET A 258 2.60 -1.43 -19.94
CA MET A 258 4.06 -1.39 -20.05
C MET A 258 4.51 -0.06 -20.63
N GLU A 259 3.78 0.47 -21.60
CA GLU A 259 4.12 1.76 -22.18
C GLU A 259 4.02 2.87 -21.14
N HIS A 260 3.04 2.79 -20.24
CA HIS A 260 2.95 3.81 -19.22
C HIS A 260 4.21 3.85 -18.37
N ILE A 261 4.75 2.67 -18.02
CA ILE A 261 6.01 2.63 -17.26
C ILE A 261 7.13 3.30 -18.04
N THR A 262 7.20 3.06 -19.34
CA THR A 262 8.30 3.63 -20.09
C THR A 262 8.19 5.16 -20.20
N GLU A 263 7.00 5.73 -19.95
CA GLU A 263 6.82 7.17 -20.02
C GLU A 263 7.16 7.87 -18.72
N LYS A 264 7.29 7.14 -17.63
CA LYS A 264 7.75 7.68 -16.37
C LYS A 264 8.88 6.81 -15.84
N TRP A 265 10.00 6.83 -16.54
CA TRP A 265 11.16 6.07 -16.11
C TRP A 265 11.74 6.73 -14.87
N LEU A 266 11.70 6.04 -13.73
CA LEU A 266 12.30 6.59 -12.53
C LEU A 266 13.83 6.49 -12.65
N VAL A 267 14.52 7.59 -12.36
CA VAL A 267 15.97 7.71 -12.46
C VAL A 267 16.45 8.49 -11.24
N LEU A 268 17.50 8.00 -10.57
CA LEU A 268 18.00 8.80 -9.44
C LEU A 268 18.74 10.05 -9.95
N ASP A 269 18.65 11.13 -9.18
CA ASP A 269 19.69 12.16 -9.29
C ASP A 269 20.97 11.58 -8.71
N ALA A 270 22.14 11.99 -9.22
CA ALA A 270 22.38 13.13 -10.08
C ALA A 270 22.05 12.80 -11.52
N CYS B 29 -5.48 4.03 -7.21
CA CYS B 29 -4.38 3.48 -8.02
C CYS B 29 -4.44 1.98 -8.23
N ASP B 30 -4.05 1.57 -9.43
CA ASP B 30 -3.82 0.16 -9.63
C ASP B 30 -2.73 -0.33 -8.68
N PRO B 31 -2.88 -1.53 -8.08
CA PRO B 31 -1.85 -2.03 -7.16
C PRO B 31 -0.53 -2.30 -7.85
N THR B 32 -0.53 -2.40 -9.17
CA THR B 32 0.71 -2.53 -9.92
C THR B 32 1.37 -1.18 -10.19
N ASP B 33 0.63 -0.07 -10.06
CA ASP B 33 1.10 1.25 -10.52
C ASP B 33 1.90 1.92 -9.39
N ASP B 34 3.23 1.87 -9.52
CA ASP B 34 4.07 2.27 -8.40
C ASP B 34 4.26 3.78 -8.32
N ILE B 35 4.35 4.47 -9.47
CA ILE B 35 4.45 5.92 -9.41
C ILE B 35 3.17 6.51 -8.85
N CYS B 36 2.03 5.98 -9.27
CA CYS B 36 0.76 6.46 -8.74
C CYS B 36 0.74 6.38 -7.22
N GLU B 37 1.18 5.24 -6.68
CA GLU B 37 1.21 5.07 -5.22
C GLU B 37 2.19 6.04 -4.55
N ILE B 38 3.34 6.31 -5.20
CA ILE B 38 4.26 7.32 -4.67
C ILE B 38 3.56 8.66 -4.63
N GLY B 39 2.78 8.99 -5.65
CA GLY B 39 2.04 10.24 -5.62
C GLY B 39 1.01 10.25 -4.50
N VAL B 40 0.40 9.11 -4.22
CA VAL B 40 -0.56 9.07 -3.12
C VAL B 40 0.17 9.27 -1.80
N ARG B 41 1.36 8.67 -1.64
CA ARG B 41 2.07 8.76 -0.36
C ARG B 41 2.62 10.15 -0.10
N MET B 42 3.06 10.84 -1.16
CA MET B 42 3.45 12.24 -1.05
C MET B 42 2.32 13.06 -0.46
N GLU B 43 1.11 12.89 -1.00
CA GLU B 43 -0.04 13.63 -0.52
C GLU B 43 -0.33 13.29 0.94
N GLU B 44 -0.32 11.99 1.26
CA GLU B 44 -0.54 11.56 2.63
C GLU B 44 0.53 12.10 3.56
N GLN B 45 1.80 12.12 3.12
CA GLN B 45 2.84 12.64 3.98
C GLN B 45 2.60 14.11 4.27
N LEU B 46 2.30 14.88 3.22
CA LEU B 46 2.03 16.30 3.36
C LEU B 46 0.78 16.56 4.21
N ALA B 47 -0.25 15.71 4.06
CA ALA B 47 -1.44 15.91 4.89
C ALA B 47 -1.13 15.72 6.37
N LYS B 48 -0.32 14.71 6.72
CA LYS B 48 0.08 14.50 8.12
C LYS B 48 0.92 15.66 8.65
N GLN B 49 1.87 16.17 7.83
CA GLN B 49 2.63 17.35 8.21
C GLN B 49 1.71 18.54 8.48
N LEU B 50 0.70 18.73 7.62
CA LEU B 50 -0.27 19.82 7.82
C LEU B 50 -0.95 19.69 9.17
N MET B 51 -1.41 18.47 9.47
CA MET B 51 -2.07 18.20 10.73
C MET B 51 -1.16 18.46 11.93
N MET B 52 0.13 18.06 11.84
CA MET B 52 1.05 18.41 12.92
C MET B 52 1.12 19.92 13.11
N CYS B 53 1.23 20.67 12.00
CA CYS B 53 1.28 22.12 12.07
C CYS B 53 0.03 22.69 12.75
N LYS B 54 -1.15 22.19 12.39
CA LYS B 54 -2.37 22.74 12.96
C LYS B 54 -2.52 22.38 14.43
N ASN B 55 -2.26 21.12 14.80
CA ASN B 55 -2.32 20.73 16.20
C ASN B 55 -1.37 21.59 17.04
N THR B 56 -0.12 21.71 16.61
CA THR B 56 0.84 22.48 17.37
C THR B 56 0.43 23.94 17.46
N ARG B 57 -0.05 24.51 16.34
CA ARG B 57 -0.64 25.85 16.39
C ARG B 57 -1.69 25.93 17.51
N ASP B 58 -2.64 25.01 17.49
CA ASP B 58 -3.72 25.04 18.48
C ASP B 58 -3.18 24.92 19.89
N HIS B 59 -2.19 24.06 20.10
CA HIS B 59 -1.61 23.99 21.44
C HIS B 59 -1.00 25.33 21.87
N HIS B 60 -0.36 26.07 20.96
CA HIS B 60 0.23 27.33 21.37
C HIS B 60 -0.85 28.38 21.64
N LYS B 61 -1.90 28.40 20.80
CA LYS B 61 -3.08 29.21 21.06
C LYS B 61 -3.61 28.94 22.45
N ALA B 62 -3.90 27.67 22.74
CA ALA B 62 -4.40 27.26 24.05
C ALA B 62 -3.58 27.86 25.18
N MET B 63 -2.25 27.84 25.06
CA MET B 63 -1.37 28.34 26.11
C MET B 63 -1.05 29.83 25.96
N GLY B 64 -1.82 30.57 25.18
CA GLY B 64 -1.50 31.99 24.94
C GLY B 64 -0.07 32.25 24.53
N ASP B 65 0.48 31.42 23.65
CA ASP B 65 1.82 31.62 23.07
C ASP B 65 1.60 32.04 21.62
N VAL B 66 1.41 33.34 21.41
CA VAL B 66 0.95 33.84 20.12
C VAL B 66 2.06 33.79 19.10
N ALA B 67 3.30 34.01 19.54
CA ALA B 67 4.44 33.82 18.64
C ALA B 67 4.49 32.40 18.13
N GLY B 68 4.42 31.42 19.05
CA GLY B 68 4.39 30.03 18.64
C GLY B 68 3.18 29.72 17.80
N MET B 69 2.05 30.33 18.12
CA MET B 69 0.87 30.14 17.29
C MET B 69 1.11 30.68 15.90
N ASN B 70 1.57 31.93 15.82
CA ASN B 70 1.89 32.55 14.53
C ASN B 70 2.79 31.64 13.69
N ARG B 71 3.85 31.13 14.30
CA ARG B 71 4.88 30.45 13.52
C ARG B 71 4.37 29.14 12.91
N PHE B 72 3.60 28.36 13.68
CA PHE B 72 3.10 27.10 13.13
C PHE B 72 1.95 27.31 12.16
N GLU B 73 1.19 28.40 12.30
CA GLU B 73 0.25 28.75 11.24
C GLU B 73 0.97 28.97 9.93
N ASN B 74 2.14 29.63 9.98
CA ASN B 74 2.89 29.89 8.75
C ASN B 74 3.49 28.61 8.19
N LEU B 75 4.00 27.73 9.06
CA LEU B 75 4.40 26.38 8.67
C LEU B 75 3.28 25.65 7.91
N ALA B 76 2.06 25.67 8.47
CA ALA B 76 0.91 25.04 7.83
C ALA B 76 0.66 25.62 6.43
N LEU B 77 0.73 26.94 6.27
CA LEU B 77 0.59 27.56 4.96
C LEU B 77 1.59 26.96 3.96
N THR B 78 2.87 26.86 4.39
CA THR B 78 3.89 26.26 3.54
C THR B 78 3.51 24.84 3.12
N VAL B 79 2.97 24.06 4.05
CA VAL B 79 2.62 22.68 3.72
C VAL B 79 1.38 22.64 2.84
N GLN B 80 0.39 23.49 3.12
CA GLN B 80 -0.78 23.53 2.26
C GLN B 80 -0.38 23.88 0.83
N LYS B 81 0.57 24.82 0.69
CA LYS B 81 1.03 25.27 -0.63
C LYS B 81 1.61 24.11 -1.42
N ASP B 82 2.47 23.30 -0.77
CA ASP B 82 3.03 22.11 -1.42
C ASP B 82 1.95 21.10 -1.75
N LEU B 83 1.03 20.88 -0.80
CA LEU B 83 -0.09 19.98 -1.02
C LEU B 83 -0.93 20.43 -2.20
N ASP B 84 -1.10 21.75 -2.38
CA ASP B 84 -1.81 22.25 -3.56
C ASP B 84 -1.04 21.94 -4.84
N LEU B 85 0.29 22.09 -4.82
CA LEU B 85 1.09 21.79 -6.02
C LEU B 85 1.01 20.32 -6.38
N VAL B 86 0.98 19.43 -5.38
CA VAL B 86 0.93 18.01 -5.72
C VAL B 86 -0.44 17.66 -6.30
N ARG B 87 -1.53 18.17 -5.69
CA ARG B 87 -2.86 17.88 -6.21
C ARG B 87 -3.05 18.47 -7.60
N TYR B 88 -2.44 19.62 -7.85
CA TYR B 88 -2.56 20.25 -9.15
C TYR B 88 -1.87 19.43 -10.23
N SER B 89 -0.64 18.98 -9.95
CA SER B 89 0.04 18.11 -10.89
C SER B 89 -0.82 16.92 -11.27
N LYS B 90 -1.68 16.46 -10.36
CA LYS B 90 -2.50 15.31 -10.73
C LYS B 90 -3.65 15.72 -11.64
N ARG B 91 -4.28 16.87 -11.36
CA ARG B 91 -5.39 17.32 -12.19
C ARG B 91 -4.99 17.42 -13.65
N LYS B 92 -3.83 17.99 -13.93
CA LYS B 92 -3.25 18.06 -15.26
C LYS B 92 -2.05 17.13 -15.26
N ASN B 93 -2.12 16.01 -15.95
CA ASN B 93 -1.13 14.97 -15.66
C ASN B 93 0.29 15.41 -16.01
N GLU B 94 1.10 15.88 -15.01
CA GLU B 94 2.16 16.87 -15.35
C GLU B 94 3.63 16.45 -15.32
N PRO B 95 4.11 15.59 -14.44
CA PRO B 95 3.66 14.76 -13.34
C PRO B 95 4.14 15.31 -12.01
N LEU B 96 4.59 14.38 -11.17
CA LEU B 96 4.73 14.66 -9.76
C LEU B 96 5.91 15.59 -9.51
N PRO B 97 5.72 16.63 -8.73
CA PRO B 97 6.84 17.53 -8.40
C PRO B 97 8.00 16.77 -7.75
N LYS B 98 9.22 17.22 -8.07
CA LYS B 98 10.43 16.75 -7.39
C LYS B 98 10.38 17.19 -5.94
N PHE B 99 10.92 16.35 -5.05
CA PHE B 99 10.95 16.70 -3.65
C PHE B 99 12.21 16.20 -2.99
N HIS B 100 12.39 16.62 -1.74
CA HIS B 100 13.53 16.25 -0.91
C HIS B 100 13.05 16.27 0.53
N TYR B 101 13.96 15.93 1.45
CA TYR B 101 13.69 15.87 2.87
C TYR B 101 14.44 16.95 3.64
N GLU B 102 13.75 17.59 4.59
CA GLU B 102 14.38 18.52 5.51
C GLU B 102 13.98 18.11 6.93
N LYS B 103 14.28 18.96 7.92
CA LYS B 103 13.92 18.71 9.31
C LYS B 103 13.18 19.93 9.83
N ARG B 104 12.23 19.71 10.72
CA ARG B 104 11.51 20.81 11.35
C ARG B 104 11.61 20.64 12.87
N SER B 105 11.61 21.77 13.57
CA SER B 105 11.70 21.74 15.02
C SER B 105 10.30 21.96 15.57
N PHE B 106 9.69 20.90 16.06
CA PHE B 106 8.55 20.98 16.94
C PHE B 106 9.08 20.74 18.34
N ASN B 107 8.33 21.16 19.31
CA ASN B 107 9.03 20.94 20.56
C ASN B 107 8.19 19.93 21.30
N ILE B 108 8.03 18.75 20.69
CA ILE B 108 6.93 17.86 21.06
C ILE B 108 7.11 17.32 22.48
N VAL B 109 8.33 16.91 22.85
CA VAL B 109 8.53 16.39 24.19
C VAL B 109 8.34 17.43 25.28
N HIS B 110 8.21 18.71 24.91
CA HIS B 110 8.13 19.80 25.88
C HIS B 110 6.84 20.63 25.80
N CYS B 111 5.71 20.13 25.28
CA CYS B 111 4.49 20.93 25.52
C CYS B 111 3.97 20.55 26.90
N ASN B 112 3.48 21.51 27.66
CA ASN B 112 3.16 21.21 29.06
C ASN B 112 4.35 20.58 29.80
N THR B 113 5.39 21.37 30.00
CA THR B 113 6.48 20.89 30.85
C THR B 113 6.14 21.00 32.34
N ASP B 114 4.98 21.59 32.68
CA ASP B 114 4.53 21.56 34.06
C ASP B 114 4.20 20.15 34.55
N LEU B 115 4.19 19.16 33.66
CA LEU B 115 3.91 17.78 34.01
C LEU B 115 5.09 16.88 33.70
N THR B 116 5.33 15.94 34.59
CA THR B 116 6.33 14.91 34.44
C THR B 116 5.98 13.99 33.28
N ASP B 117 6.99 13.27 32.79
CA ASP B 117 6.79 12.32 31.71
C ASP B 117 5.77 11.24 32.04
N SER B 118 5.53 10.98 33.31
CA SER B 118 4.64 9.90 33.71
C SER B 118 3.26 10.41 34.15
N GLU B 119 3.05 11.71 34.19
CA GLU B 119 1.85 12.27 34.78
C GLU B 119 0.75 12.47 33.75
N LEU B 120 -0.49 12.32 34.21
CA LEU B 120 -1.66 12.74 33.46
C LEU B 120 -2.47 13.59 34.42
N GLU B 121 -2.94 14.73 33.95
CA GLU B 121 -3.65 15.68 34.80
C GLU B 121 -5.07 15.81 34.29
N ILE B 122 -6.04 15.74 35.21
CA ILE B 122 -7.46 15.92 34.90
C ILE B 122 -7.93 17.22 35.56
N VAL B 123 -8.59 18.06 34.79
CA VAL B 123 -9.10 19.32 35.31
C VAL B 123 -10.60 19.34 35.11
N VAL B 124 -11.34 19.35 36.21
CA VAL B 124 -12.76 19.65 36.21
C VAL B 124 -12.87 21.15 36.35
N VAL B 125 -13.39 21.82 35.32
CA VAL B 125 -13.41 23.29 35.28
C VAL B 125 -14.75 23.86 35.76
N ARG B 126 -15.86 23.37 35.23
CA ARG B 126 -17.07 24.16 35.30
C ARG B 126 -18.24 23.26 35.00
N GLY B 127 -19.31 23.42 35.77
CA GLY B 127 -20.63 23.04 35.31
C GLY B 127 -21.29 24.21 34.61
N ILE B 128 -22.14 23.88 33.65
CA ILE B 128 -22.89 24.87 32.89
C ILE B 128 -24.35 24.45 32.91
N SER B 129 -25.17 25.21 33.65
CA SER B 129 -26.64 25.16 33.56
C SER B 129 -27.20 23.75 33.72
N TYR B 130 -26.87 23.13 34.85
CA TYR B 130 -27.44 21.83 35.16
C TYR B 130 -28.96 21.89 35.12
N ASN B 131 -29.58 20.91 34.47
CA ASN B 131 -31.04 20.84 34.42
C ASN B 131 -31.58 20.13 35.66
N VAL B 132 -31.51 20.83 36.79
CA VAL B 132 -32.01 20.33 38.07
C VAL B 132 -33.18 21.19 38.54
N ALA B 133 -33.91 20.67 39.53
CA ALA B 133 -35.05 21.38 40.11
C ALA B 133 -34.65 22.71 40.73
N ASN B 134 -33.88 22.67 41.80
CA ASN B 134 -33.67 23.85 42.64
C ASN B 134 -32.54 24.73 42.09
N PRO B 135 -32.72 25.15 40.83
CA PRO B 135 -31.71 25.87 40.07
C PRO B 135 -30.66 26.58 40.88
N LYS B 136 -31.09 27.51 41.74
CA LYS B 136 -30.17 28.38 42.49
C LYS B 136 -29.88 27.86 43.89
N ASP B 137 -30.29 26.63 44.20
CA ASP B 137 -30.10 26.07 45.53
C ASP B 137 -29.28 24.79 45.54
N VAL B 138 -28.93 24.24 44.37
CA VAL B 138 -28.33 22.92 44.30
C VAL B 138 -26.85 23.02 44.66
N ASP B 139 -26.37 21.97 45.34
CA ASP B 139 -24.99 21.84 45.80
C ASP B 139 -24.43 20.59 45.15
N THR B 140 -23.34 20.75 44.39
CA THR B 140 -22.87 19.70 43.49
C THR B 140 -21.39 19.44 43.67
N TYR B 141 -21.00 18.22 43.32
CA TYR B 141 -19.60 17.79 43.23
C TYR B 141 -19.50 16.79 42.09
N VAL B 142 -18.29 16.68 41.53
CA VAL B 142 -18.04 15.77 40.41
C VAL B 142 -17.10 14.68 40.89
N ARG B 143 -17.44 13.42 40.60
CA ARG B 143 -16.61 12.26 40.80
C ARG B 143 -15.84 11.93 39.53
N VAL B 144 -14.61 11.48 39.69
CA VAL B 144 -13.69 11.29 38.57
C VAL B 144 -13.12 9.89 38.67
N GLU B 145 -13.28 9.09 37.62
CA GLU B 145 -12.71 7.76 37.56
C GLU B 145 -11.82 7.63 36.33
N PHE B 146 -10.57 7.18 36.55
CA PHE B 146 -9.59 7.01 35.49
C PHE B 146 -9.10 5.57 35.52
N PRO B 147 -9.09 4.86 34.40
CA PRO B 147 -8.76 3.43 34.46
C PRO B 147 -7.25 3.20 34.60
N LEU B 148 -6.89 2.26 35.48
CA LEU B 148 -5.48 1.99 35.69
C LEU B 148 -5.17 0.57 35.26
N LEU B 149 -4.10 0.00 35.79
CA LEU B 149 -3.71 -1.34 35.36
C LEU B 149 -4.55 -2.41 36.05
N ASN B 150 -4.80 -3.48 35.30
CA ASN B 150 -5.59 -4.64 35.72
C ASN B 150 -6.83 -4.22 36.51
N ASP B 151 -7.75 -3.56 35.80
CA ASP B 151 -9.09 -3.20 36.27
C ASP B 151 -9.10 -2.43 37.59
N GLU B 152 -7.94 -1.97 38.04
CA GLU B 152 -7.89 -0.95 39.07
C GLU B 152 -8.26 0.41 38.45
N SER B 153 -8.35 1.44 39.29
CA SER B 153 -8.84 2.71 38.77
C SER B 153 -8.56 3.80 39.78
N PHE B 154 -8.17 4.97 39.30
CA PHE B 154 -8.04 6.12 40.17
C PHE B 154 -9.42 6.76 40.33
N LYS B 155 -9.90 6.84 41.56
CA LYS B 155 -11.18 7.45 41.82
C LYS B 155 -10.98 8.58 42.80
N THR B 156 -11.65 9.69 42.55
CA THR B 156 -11.49 10.87 43.39
C THR B 156 -12.71 11.73 43.16
N LYS B 157 -12.76 12.88 43.84
CA LYS B 157 -13.90 13.79 43.67
C LYS B 157 -13.49 15.22 43.95
N THR B 158 -14.24 16.15 43.36
CA THR B 158 -14.08 17.55 43.68
C THR B 158 -14.73 17.86 45.03
N ASN B 159 -14.43 19.05 45.56
CA ASN B 159 -15.20 19.62 46.67
C ASN B 159 -16.66 19.82 46.25
N VAL B 160 -17.51 20.27 47.18
CA VAL B 160 -18.89 20.63 46.86
C VAL B 160 -18.94 22.13 46.64
N ILE B 161 -19.64 22.55 45.58
CA ILE B 161 -19.91 23.96 45.30
C ILE B 161 -21.39 24.19 45.58
N ARG B 162 -21.70 25.33 46.18
CA ARG B 162 -23.00 25.52 46.81
C ARG B 162 -23.90 26.50 46.06
N ASP B 163 -25.17 26.13 45.96
CA ASP B 163 -26.26 26.96 45.45
C ASP B 163 -25.93 27.55 44.08
N THR B 164 -25.69 26.67 43.11
CA THR B 164 -25.55 27.11 41.74
C THR B 164 -25.78 25.99 40.74
N SER B 165 -26.58 26.31 39.73
CA SER B 165 -26.75 25.50 38.53
C SER B 165 -25.46 25.42 37.71
N SER B 166 -24.52 26.34 37.91
CA SER B 166 -23.33 26.46 37.05
C SER B 166 -22.11 26.62 37.92
N PRO B 167 -21.66 25.54 38.57
CA PRO B 167 -20.54 25.65 39.51
C PRO B 167 -19.21 25.80 38.78
N ASP B 168 -18.28 26.48 39.46
CA ASP B 168 -16.88 26.57 39.05
C ASP B 168 -16.07 25.69 40.00
N TYR B 169 -16.04 24.39 39.74
CA TYR B 169 -15.02 23.56 40.36
C TYR B 169 -13.74 23.82 39.60
N ASP B 170 -12.70 24.33 40.21
CA ASP B 170 -11.47 24.53 39.45
C ASP B 170 -10.41 23.69 40.12
N GLU B 171 -10.50 22.37 39.94
CA GLU B 171 -9.67 21.43 40.68
C GLU B 171 -8.98 20.49 39.72
N ARG B 172 -7.71 20.21 40.01
CA ARG B 172 -6.86 19.36 39.19
C ARG B 172 -6.52 18.08 39.93
N PHE B 173 -6.38 16.99 39.19
CA PHE B 173 -5.99 15.71 39.75
C PHE B 173 -4.93 15.11 38.87
N LYS B 174 -3.87 14.56 39.47
CA LYS B 174 -2.77 13.96 38.74
C LYS B 174 -2.65 12.50 39.10
N VAL B 175 -2.21 11.69 38.14
CA VAL B 175 -2.10 10.27 38.31
C VAL B 175 -0.93 9.82 37.45
N ASP B 176 -0.26 8.73 37.86
CA ASP B 176 0.87 8.22 37.09
C ASP B 176 0.40 7.21 36.06
N ILE B 177 0.95 7.31 34.87
CA ILE B 177 0.78 6.32 33.82
C ILE B 177 2.14 5.73 33.54
N GLN B 178 2.14 4.57 32.91
CA GLN B 178 3.38 3.97 32.43
C GLN B 178 3.27 3.87 30.93
N ARG B 179 3.93 4.80 30.25
CA ARG B 179 3.87 4.86 28.79
C ARG B 179 4.35 3.56 28.17
N THR B 180 5.33 2.89 28.78
CA THR B 180 5.91 1.72 28.12
C THR B 180 5.10 0.45 28.35
N ASN B 181 4.14 0.46 29.26
CA ASN B 181 3.21 -0.66 29.43
C ASN B 181 2.23 -0.72 28.25
N ARG B 182 1.93 -1.93 27.78
CA ARG B 182 1.03 -2.07 26.63
C ARG B 182 -0.44 -2.03 27.05
N GLN B 183 -0.74 -2.42 28.29
CA GLN B 183 -2.10 -2.22 28.77
C GLN B 183 -2.44 -0.75 28.84
N PHE B 184 -1.49 0.09 29.28
CA PHE B 184 -1.74 1.51 29.35
C PHE B 184 -1.93 2.11 27.96
N GLN B 185 -1.19 1.59 26.97
CA GLN B 185 -1.35 2.06 25.61
C GLN B 185 -2.74 1.73 25.08
N ARG B 186 -3.28 0.54 25.42
CA ARG B 186 -4.64 0.25 25.02
C ARG B 186 -5.62 1.19 25.72
N ILE B 187 -5.30 1.59 26.96
CA ILE B 187 -6.18 2.48 27.69
C ILE B 187 -6.34 3.80 26.95
N PHE B 188 -5.23 4.37 26.44
CA PHE B 188 -5.37 5.60 25.64
C PHE B 188 -5.99 5.34 24.28
N LYS B 189 -5.75 4.19 23.67
CA LYS B 189 -6.29 3.96 22.34
C LYS B 189 -7.80 3.82 22.38
N ARG B 190 -8.34 3.12 23.39
CA ARG B 190 -9.72 2.67 23.37
C ARG B 190 -10.61 3.24 24.48
N HIS B 191 -10.06 3.70 25.60
CA HIS B 191 -10.89 3.91 26.79
C HIS B 191 -10.99 5.40 27.13
N GLY B 192 -11.51 5.70 28.31
CA GLY B 192 -11.87 7.07 28.62
C GLY B 192 -11.86 7.37 30.11
N VAL B 193 -12.07 8.64 30.41
CA VAL B 193 -12.24 9.14 31.77
C VAL B 193 -13.73 9.37 32.03
N LYS B 194 -14.19 8.93 33.19
CA LYS B 194 -15.61 8.96 33.53
C LYS B 194 -15.82 10.06 34.56
N PHE B 195 -16.73 10.98 34.28
CA PHE B 195 -17.11 12.03 35.21
C PHE B 195 -18.56 11.79 35.63
N GLU B 196 -18.84 11.98 36.91
CA GLU B 196 -20.19 11.81 37.45
C GLU B 196 -20.52 13.04 38.27
N ILE B 197 -21.59 13.73 37.87
CA ILE B 197 -22.00 14.95 38.55
C ILE B 197 -23.09 14.59 39.57
N TYR B 198 -22.92 15.03 40.80
CA TYR B 198 -23.83 14.66 41.88
C TYR B 198 -24.36 15.92 42.55
N SER B 199 -25.64 15.90 42.89
CA SER B 199 -26.14 16.89 43.84
C SER B 199 -26.12 16.27 45.23
N ARG B 200 -25.66 17.06 46.22
CA ARG B 200 -25.61 16.53 47.57
C ARG B 200 -26.99 16.65 48.23
N GLY B 201 -27.56 15.52 48.62
CA GLY B 201 -28.73 15.52 49.47
C GLY B 201 -28.27 15.78 50.88
N GLY B 202 -28.91 16.71 51.56
CA GLY B 202 -28.45 17.03 52.88
C GLY B 202 -28.77 15.98 53.95
N PHE B 203 -29.31 16.46 55.07
CA PHE B 203 -29.57 15.63 56.24
C PHE B 203 -30.35 14.36 55.87
N LEU B 204 -29.73 13.21 56.08
CA LEU B 204 -30.34 11.88 55.86
C LEU B 204 -30.89 11.71 54.44
N ARG B 205 -30.28 12.38 53.47
CA ARG B 205 -30.71 12.35 52.07
C ARG B 205 -29.60 11.75 51.21
N SER B 206 -29.95 10.77 50.39
CA SER B 206 -29.02 10.27 49.38
C SER B 206 -28.62 11.37 48.39
N ASP B 207 -27.38 11.28 47.93
CA ASP B 207 -26.92 12.10 46.81
C ASP B 207 -27.48 11.58 45.51
N THR B 208 -27.79 12.48 44.58
CA THR B 208 -28.47 12.09 43.36
C THR B 208 -27.62 12.42 42.14
N LEU B 209 -27.38 11.39 41.31
CA LEU B 209 -26.63 11.48 40.05
C LEU B 209 -27.35 12.37 39.05
N ILE B 210 -26.88 13.61 38.88
CA ILE B 210 -27.38 14.52 37.85
C ILE B 210 -27.05 14.04 36.43
N GLY B 211 -25.86 13.52 36.22
CA GLY B 211 -25.45 13.09 34.88
C GLY B 211 -24.01 12.61 34.85
N THR B 212 -23.67 11.94 33.75
CA THR B 212 -22.34 11.39 33.56
C THR B 212 -21.73 11.89 32.25
N VAL B 213 -20.41 11.91 32.19
CA VAL B 213 -19.70 12.35 31.00
C VAL B 213 -18.50 11.42 30.81
N ASN B 214 -18.34 10.92 29.59
CA ASN B 214 -17.25 10.02 29.26
C ASN B 214 -16.40 10.68 28.18
N VAL B 215 -15.13 10.88 28.47
CA VAL B 215 -14.22 11.49 27.50
C VAL B 215 -13.20 10.45 27.09
N LYS B 216 -13.21 10.12 25.80
CA LYS B 216 -12.21 9.21 25.23
C LYS B 216 -10.82 9.84 25.34
N LEU B 217 -9.84 9.03 25.76
CA LEU B 217 -8.47 9.49 25.89
C LEU B 217 -7.70 9.52 24.56
N GLN B 218 -8.27 8.93 23.51
CA GLN B 218 -7.55 8.73 22.25
C GLN B 218 -6.90 9.98 21.67
N PRO B 219 -7.50 11.18 21.70
CA PRO B 219 -6.79 12.35 21.14
C PRO B 219 -5.41 12.60 21.75
N LEU B 220 -5.11 12.02 22.93
CA LEU B 220 -3.82 12.26 23.54
C LEU B 220 -2.70 11.44 22.91
N GLU B 221 -3.01 10.58 21.95
CA GLU B 221 -1.97 9.89 21.20
C GLU B 221 -1.14 10.87 20.36
N THR B 222 -1.76 11.93 19.85
CA THR B 222 -1.10 12.88 18.98
C THR B 222 -1.21 14.30 19.49
N LYS B 223 -1.94 14.53 20.59
CA LYS B 223 -2.12 15.87 21.16
C LYS B 223 -1.75 15.90 22.64
N CYS B 224 -1.43 17.10 23.13
CA CYS B 224 -0.91 17.26 24.48
C CYS B 224 -2.03 17.51 25.47
N GLU B 225 -3.23 17.90 25.01
CA GLU B 225 -4.33 18.14 25.93
C GLU B 225 -5.66 17.91 25.26
N ILE B 226 -6.68 17.73 26.09
CA ILE B 226 -8.08 17.70 25.67
C ILE B 226 -8.82 18.77 26.48
N HIS B 227 -9.59 19.60 25.80
CA HIS B 227 -10.29 20.65 26.51
C HIS B 227 -11.61 20.87 25.80
N ASP B 228 -12.71 20.58 26.46
CA ASP B 228 -14.00 20.77 25.81
C ASP B 228 -15.09 20.79 26.87
N THR B 229 -16.32 21.01 26.43
CA THR B 229 -17.49 20.97 27.27
C THR B 229 -18.36 19.82 26.78
N TYR B 230 -18.92 19.04 27.71
CA TYR B 230 -19.64 17.84 27.35
C TYR B 230 -21.05 17.82 27.93
N ASP B 231 -21.96 17.24 27.16
CA ASP B 231 -23.36 17.12 27.56
C ASP B 231 -23.48 16.08 28.66
N LEU B 232 -24.11 16.45 29.76
CA LEU B 232 -24.42 15.44 30.78
C LEU B 232 -25.42 14.44 30.22
N MET B 233 -25.08 13.16 30.35
CA MET B 233 -25.90 12.06 29.86
C MET B 233 -26.48 11.30 31.04
N ASP B 234 -27.75 10.89 30.90
CA ASP B 234 -28.26 9.84 31.76
C ASP B 234 -27.73 8.54 31.23
N GLY B 235 -28.52 7.81 30.46
CA GLY B 235 -28.05 6.62 29.78
C GLY B 235 -27.72 6.93 28.34
N ARG B 236 -28.67 6.65 27.43
CA ARG B 236 -28.63 7.19 26.09
C ARG B 236 -29.31 8.54 26.00
N LYS B 237 -29.63 9.17 27.12
CA LYS B 237 -30.43 10.37 27.10
C LYS B 237 -29.61 11.59 27.48
N GLN B 238 -29.69 12.62 26.65
CA GLN B 238 -29.16 13.90 27.02
C GLN B 238 -30.06 14.55 28.07
N VAL B 239 -29.43 14.98 29.16
CA VAL B 239 -30.09 15.42 30.37
C VAL B 239 -30.27 16.94 30.41
N GLY B 240 -29.41 17.67 29.70
CA GLY B 240 -29.37 19.11 29.83
C GLY B 240 -28.35 19.49 30.87
N GLY B 241 -27.57 20.51 30.59
CA GLY B 241 -26.42 20.88 31.37
C GLY B 241 -25.12 20.30 30.80
N LYS B 242 -24.01 20.97 31.12
CA LYS B 242 -22.72 20.65 30.53
C LYS B 242 -21.64 20.67 31.59
N LEU B 243 -20.55 19.93 31.32
CA LEU B 243 -19.35 19.92 32.16
C LEU B 243 -18.13 20.25 31.31
N GLU B 244 -17.32 21.20 31.78
CA GLU B 244 -16.12 21.60 31.08
C GLU B 244 -14.89 20.99 31.75
N VAL B 245 -14.04 20.35 30.95
CA VAL B 245 -13.05 19.41 31.44
C VAL B 245 -11.78 19.53 30.60
N LYS B 246 -10.64 19.25 31.23
CA LYS B 246 -9.33 19.21 30.58
C LYS B 246 -8.63 17.91 30.93
N ILE B 247 -7.96 17.30 29.97
CA ILE B 247 -7.08 16.17 30.25
C ILE B 247 -5.75 16.48 29.59
N ARG B 248 -4.68 16.39 30.38
CA ARG B 248 -3.39 16.93 29.98
C ARG B 248 -2.32 15.90 30.24
N VAL B 249 -1.35 15.84 29.32
CA VAL B 249 -0.14 15.04 29.43
C VAL B 249 1.04 15.93 29.03
N ARG B 250 2.24 15.50 29.44
CA ARG B 250 3.46 16.23 29.10
C ARG B 250 3.71 16.20 27.59
N ASN B 251 3.45 15.08 26.94
CA ASN B 251 3.57 15.02 25.49
C ASN B 251 2.71 13.85 25.00
N PRO B 252 2.35 13.83 23.71
CA PRO B 252 1.43 12.79 23.22
C PRO B 252 2.00 11.39 23.44
N ILE B 253 1.10 10.41 23.55
CA ILE B 253 1.55 9.03 23.70
C ILE B 253 2.44 8.64 22.52
N LEU B 254 2.12 9.11 21.31
CA LEU B 254 2.90 8.76 20.11
C LEU B 254 3.94 9.83 19.76
N THR B 255 4.67 10.31 20.77
CA THR B 255 5.67 11.35 20.55
C THR B 255 6.81 10.85 19.65
N LYS B 256 7.22 9.59 19.82
CA LYS B 256 8.33 9.07 19.03
C LYS B 256 7.99 9.02 17.54
N GLN B 257 6.81 8.52 17.21
CA GLN B 257 6.39 8.49 15.82
C GLN B 257 6.29 9.91 15.25
N MET B 258 5.78 10.85 16.05
CA MET B 258 5.68 12.22 15.57
C MET B 258 7.08 12.81 15.35
N GLU B 259 8.01 12.54 16.26
CA GLU B 259 9.38 13.04 16.13
C GLU B 259 10.03 12.55 14.84
N HIS B 260 9.79 11.28 14.49
CA HIS B 260 10.34 10.73 13.26
C HIS B 260 9.83 11.45 12.03
N ILE B 261 8.54 11.83 12.02
CA ILE B 261 8.00 12.60 10.89
C ILE B 261 8.73 13.94 10.79
N THR B 262 8.94 14.59 11.92
CA THR B 262 9.68 15.84 11.98
C THR B 262 11.13 15.72 11.47
N GLU B 263 11.69 14.52 11.55
CA GLU B 263 13.06 14.27 11.12
C GLU B 263 13.15 14.08 9.63
N LYS B 264 12.02 13.77 8.99
CA LYS B 264 11.96 13.48 7.55
C LYS B 264 10.84 14.31 6.93
N TRP B 265 10.99 15.64 7.02
CA TRP B 265 9.97 16.55 6.54
C TRP B 265 10.04 16.66 5.03
N LEU B 266 8.97 16.22 4.36
CA LEU B 266 8.94 16.22 2.90
C LEU B 266 8.67 17.64 2.42
N VAL B 267 9.52 18.15 1.51
CA VAL B 267 9.43 19.50 0.97
C VAL B 267 9.55 19.39 -0.54
N LEU B 268 8.66 20.09 -1.28
CA LEU B 268 8.78 20.12 -2.74
C LEU B 268 9.96 21.00 -3.14
N ASP B 269 10.67 20.59 -4.19
CA ASP B 269 11.81 21.36 -4.65
C ASP B 269 11.36 22.73 -5.10
N ALA B 270 12.15 23.74 -4.75
CA ALA B 270 11.79 25.15 -5.00
C ALA B 270 12.29 25.63 -6.36
S SO4 C . -5.42 -25.02 -19.12
O1 SO4 C . -5.88 -24.46 -20.39
O2 SO4 C . -6.20 -24.48 -17.99
O3 SO4 C . -3.99 -24.69 -18.94
O4 SO4 C . -5.61 -26.47 -19.15
S SO4 D . -8.47 -35.74 -37.70
O1 SO4 D . -7.07 -35.36 -37.88
O2 SO4 D . -9.21 -34.65 -37.08
O3 SO4 D . -9.07 -36.06 -39.01
O4 SO4 D . -8.54 -36.93 -36.85
S SO4 E . 20.88 -11.38 -16.03
O1 SO4 E . 21.41 -10.06 -16.38
O2 SO4 E . 20.48 -11.38 -14.62
O3 SO4 E . 19.72 -11.73 -16.88
O4 SO4 E . 21.93 -12.38 -16.22
C1 PEG F . 13.24 14.33 -18.74
O1 PEG F . 13.37 14.38 -17.35
C2 PEG F . 14.39 13.63 -19.47
O2 PEG F . 13.86 12.47 -20.06
C3 PEG F . 13.69 12.46 -21.43
C4 PEG F . 12.28 12.03 -21.83
O4 PEG F . 11.31 12.49 -20.92
S SO4 G . -7.95 25.60 9.85
O1 SO4 G . -8.83 26.68 10.30
O2 SO4 G . -6.91 26.17 8.98
O3 SO4 G . -8.72 24.58 9.13
O4 SO4 G . -7.32 24.97 11.04
S SO4 H . 0.73 19.68 42.61
O1 SO4 H . 1.85 20.61 42.39
O2 SO4 H . 0.08 19.92 43.91
O3 SO4 H . -0.27 19.93 41.58
O4 SO4 H . 1.22 18.28 42.55
S SO4 I . -14.52 3.13 28.49
O1 SO4 I . -14.22 3.95 27.32
O2 SO4 I . -15.83 3.54 29.02
O3 SO4 I . -14.62 1.73 28.05
O4 SO4 I . -13.52 3.27 29.55
S SO4 J . -16.73 9.31 49.46
O1 SO4 J . -17.55 10.53 49.52
O2 SO4 J . -15.75 9.43 48.37
O3 SO4 J . -17.59 8.14 49.20
O4 SO4 J . -16.01 9.12 50.74
#